data_7W1I
#
_entry.id   7W1I
#
_cell.length_a   44.744
_cell.length_b   110.236
_cell.length_c   53.418
_cell.angle_alpha   90.000
_cell.angle_beta   106.420
_cell.angle_gamma   90.000
#
_symmetry.space_group_name_H-M   'P 1 21 1'
#
loop_
_entity.id
_entity.type
_entity.pdbx_description
1 polymer Carboxylesterase
2 non-polymer 'bis(2-hydroxyethyl) benzene-1,4-dicarboxylate'
3 non-polymer '4-(2-hydroxyethyloxycarbonyl)benzoic acid'
4 water water
#
_entity_poly.entity_id   1
_entity_poly.type   'polypeptide(L)'
_entity_poly.pdbx_seq_one_letter_code
;MEIVIRTGSGDVRGSKENGIAVFRGIPYAEPPVGAHRFTAPRPPRPWDGVRDATEFSATAPRPPYPEAIGALLIERFIPG
DDYLTLNVWTPDPNAVGLPVMVWIHGGAFTNGSGSEPVYDGAAFARDGVVFVSFNYRLGIIGFADLPDAPSNRGLLDQIA
ALEWVRDNIARFGGDPGNVTVFGESAGAMSVCTLMATPRARGLFRRAILQSGAGNMAVAAEDATTIAAVIAHRLGVEPTA
AALAHVPVAQLLDVQQQVAQEIQGAPDPAVWGERIAGGSVLLPFAPVIDGELLSQRPAEAIAGGAGHDVDLLFGTTTDLY
RLFLAPTGLLPFITSDYVTAHLAKSGLDADAAKAYTAEGRGEEPGDILASIITDQVFRIPALRIAESRVDAPARTFGYEF
AWRTPQLDGILGACHAVELPFVFRTLDRAASLVGTNPPEELAETVHNAWVRFATSGDPGWPAWNPETRSVMRFDHPVSEM
VTDPYPATRALWDGVPL
;
_entity_poly.pdbx_strand_id   A
#
loop_
_chem_comp.id
_chem_comp.type
_chem_comp.name
_chem_comp.formula
C8X non-polymer 'bis(2-hydroxyethyl) benzene-1,4-dicarboxylate' 'C12 H14 O6'
C9C non-polymer '4-(2-hydroxyethyloxycarbonyl)benzoic acid' 'C10 H10 O5'
#
# COMPACT_ATOMS: atom_id res chain seq x y z
N MET A 1 -21.60 -8.05 -24.98
CA MET A 1 -21.18 -7.87 -23.58
C MET A 1 -20.05 -8.85 -23.20
N GLU A 2 -20.13 -10.13 -23.58
CA GLU A 2 -18.97 -11.02 -23.32
C GLU A 2 -17.78 -10.55 -24.15
N ILE A 3 -16.59 -10.64 -23.56
CA ILE A 3 -15.37 -10.27 -24.31
C ILE A 3 -14.29 -11.26 -23.91
N VAL A 4 -13.77 -11.98 -24.89
CA VAL A 4 -12.81 -13.06 -24.59
C VAL A 4 -11.43 -12.65 -25.06
N ILE A 5 -10.49 -12.72 -24.14
CA ILE A 5 -9.12 -12.32 -24.40
C ILE A 5 -8.20 -13.44 -23.98
N ARG A 6 -7.13 -13.65 -24.74
CA ARG A 6 -6.17 -14.69 -24.42
C ARG A 6 -5.19 -14.20 -23.35
N THR A 7 -5.12 -14.90 -22.23
CA THR A 7 -4.01 -14.69 -21.32
C THR A 7 -2.94 -15.74 -21.59
N GLY A 8 -1.81 -15.62 -20.91
CA GLY A 8 -0.78 -16.62 -21.04
C GLY A 8 -1.19 -18.00 -20.54
N SER A 9 -2.25 -18.07 -19.75
CA SER A 9 -2.75 -19.33 -19.22
C SER A 9 -4.00 -19.80 -19.94
N GLY A 10 -4.50 -19.03 -20.90
CA GLY A 10 -5.69 -19.38 -21.64
C GLY A 10 -6.64 -18.21 -21.78
N ASP A 11 -7.70 -18.46 -22.55
CA ASP A 11 -8.70 -17.42 -22.78
C ASP A 11 -9.48 -17.12 -21.51
N VAL A 12 -9.77 -15.84 -21.31
CA VAL A 12 -10.62 -15.41 -20.20
C VAL A 12 -11.78 -14.64 -20.79
N ARG A 13 -12.95 -14.80 -20.20
CA ARG A 13 -14.14 -14.06 -20.59
C ARG A 13 -14.38 -12.96 -19.58
N GLY A 14 -14.21 -11.72 -20.01
CA GLY A 14 -14.68 -10.58 -19.29
C GLY A 14 -16.01 -10.08 -19.81
N SER A 15 -16.28 -8.83 -19.47
CA SER A 15 -17.54 -8.20 -19.87
C SER A 15 -17.23 -6.78 -20.37
N LYS A 16 -17.88 -6.40 -21.46
CA LYS A 16 -17.66 -5.07 -22.05
C LYS A 16 -19.00 -4.36 -21.97
N GLU A 17 -19.01 -3.22 -21.32
CA GLU A 17 -20.25 -2.44 -21.20
C GLU A 17 -19.91 -0.96 -21.19
N ASN A 18 -20.62 -0.19 -21.99
CA ASN A 18 -20.39 1.26 -22.02
C ASN A 18 -18.90 1.56 -22.20
N GLY A 19 -18.28 1.00 -23.24
CA GLY A 19 -16.91 1.37 -23.59
C GLY A 19 -15.83 0.80 -22.71
N ILE A 20 -16.18 -0.08 -21.80
CA ILE A 20 -15.11 -0.58 -20.88
C ILE A 20 -15.15 -2.10 -20.85
N ALA A 21 -14.01 -2.71 -21.12
CA ALA A 21 -13.94 -4.17 -20.96
C ALA A 21 -13.37 -4.44 -19.58
N VAL A 22 -14.08 -5.26 -18.83
CA VAL A 22 -13.66 -5.59 -17.45
C VAL A 22 -13.46 -7.08 -17.34
N PHE A 23 -12.32 -7.42 -16.77
CA PHE A 23 -11.97 -8.80 -16.51
C PHE A 23 -11.66 -8.89 -15.03
N ARG A 24 -12.36 -9.76 -14.33
CA ARG A 24 -12.20 -9.92 -12.90
C ARG A 24 -11.73 -11.31 -12.60
N GLY A 25 -10.78 -11.42 -11.67
CA GLY A 25 -10.38 -12.72 -11.22
C GLY A 25 -9.59 -13.51 -12.23
N ILE A 26 -8.87 -12.84 -13.12
CA ILE A 26 -7.93 -13.54 -13.98
C ILE A 26 -6.88 -14.15 -13.07
N PRO A 27 -6.73 -15.46 -13.02
CA PRO A 27 -5.67 -16.05 -12.20
C PRO A 27 -4.32 -15.63 -12.73
N TYR A 28 -3.44 -15.23 -11.83
CA TYR A 28 -2.04 -15.08 -12.21
C TYR A 28 -1.13 -16.01 -11.45
N ALA A 29 -1.62 -16.65 -10.40
CA ALA A 29 -0.85 -17.68 -9.73
C ALA A 29 -1.80 -18.78 -9.28
N GLU A 30 -1.29 -20.02 -9.28
CA GLU A 30 -2.06 -21.15 -8.82
C GLU A 30 -2.50 -20.90 -7.39
N PRO A 31 -3.67 -21.38 -6.99
CA PRO A 31 -4.14 -21.17 -5.62
C PRO A 31 -3.07 -21.53 -4.61
N PRO A 32 -2.73 -20.61 -3.73
CA PRO A 32 -1.69 -20.88 -2.72
C PRO A 32 -2.22 -21.70 -1.56
N VAL A 33 -2.57 -22.96 -1.81
CA VAL A 33 -3.24 -23.76 -0.80
C VAL A 33 -2.26 -24.66 -0.10
N GLY A 34 -2.47 -24.85 1.19
CA GLY A 34 -1.65 -25.76 1.95
C GLY A 34 -0.21 -25.37 1.90
N ALA A 35 0.63 -26.28 1.42
CA ALA A 35 2.05 -26.00 1.30
C ALA A 35 2.30 -24.78 0.43
N HIS A 36 1.43 -24.55 -0.54
CA HIS A 36 1.59 -23.46 -1.49
C HIS A 36 1.15 -22.14 -0.91
N ARG A 37 0.68 -22.12 0.33
CA ARG A 37 0.67 -20.86 1.05
C ARG A 37 2.03 -20.21 0.98
N PHE A 38 3.08 -21.04 1.02
CA PHE A 38 4.41 -20.56 1.30
C PHE A 38 5.36 -20.74 0.15
N THR A 39 4.91 -21.29 -0.97
CA THR A 39 5.78 -21.41 -2.11
C THR A 39 5.71 -20.16 -2.95
N ALA A 40 6.69 -20.02 -3.82
CA ALA A 40 6.66 -18.94 -4.78
C ALA A 40 5.41 -19.08 -5.65
N PRO A 41 4.85 -17.96 -6.11
CA PRO A 41 3.64 -18.03 -6.92
C PRO A 41 3.87 -18.92 -8.13
N ARG A 42 2.93 -19.82 -8.36
CA ARG A 42 3.13 -20.66 -9.52
C ARG A 42 2.22 -20.19 -10.65
N PRO A 43 2.71 -20.14 -11.88
CA PRO A 43 1.83 -19.82 -13.00
C PRO A 43 0.56 -20.64 -12.93
N PRO A 44 -0.58 -20.06 -13.27
CA PRO A 44 -1.82 -20.82 -13.19
C PRO A 44 -1.75 -22.00 -14.12
N ARG A 45 -2.29 -23.12 -13.65
CA ARG A 45 -2.47 -24.27 -14.51
C ARG A 45 -3.16 -23.81 -15.79
N PRO A 46 -2.50 -23.93 -16.95
CA PRO A 46 -3.17 -23.53 -18.20
C PRO A 46 -4.49 -24.26 -18.36
N TRP A 47 -5.45 -23.57 -18.98
CA TRP A 47 -6.74 -24.17 -19.28
C TRP A 47 -7.00 -24.07 -20.78
N ASP A 48 -7.75 -25.03 -21.30
CA ASP A 48 -8.31 -24.90 -22.63
C ASP A 48 -9.66 -24.20 -22.54
N GLY A 49 -10.11 -23.71 -23.68
CA GLY A 49 -11.38 -23.05 -23.62
C GLY A 49 -11.29 -21.71 -22.91
N VAL A 50 -12.42 -21.27 -22.38
CA VAL A 50 -12.57 -19.91 -21.88
C VAL A 50 -12.88 -19.96 -20.40
N ARG A 51 -12.01 -19.36 -19.60
CA ARG A 51 -12.25 -19.24 -18.17
C ARG A 51 -13.05 -17.98 -17.88
N ASP A 52 -14.09 -18.10 -17.06
CA ASP A 52 -14.87 -16.92 -16.73
C ASP A 52 -14.02 -15.93 -15.93
N ALA A 53 -14.05 -14.69 -16.35
CA ALA A 53 -13.36 -13.62 -15.66
C ALA A 53 -14.29 -12.44 -15.47
N THR A 54 -15.52 -12.73 -15.07
CA THR A 54 -16.52 -11.70 -14.86
C THR A 54 -16.74 -11.38 -13.40
N GLU A 55 -16.28 -12.23 -12.49
CA GLU A 55 -16.49 -12.01 -11.07
C GLU A 55 -15.15 -11.95 -10.37
N PHE A 56 -15.04 -11.06 -9.39
CA PHE A 56 -13.84 -11.04 -8.58
C PHE A 56 -13.65 -12.39 -7.91
N SER A 57 -12.41 -12.81 -7.83
CA SER A 57 -12.10 -14.05 -7.16
C SER A 57 -12.15 -13.86 -5.64
N ALA A 58 -12.00 -14.99 -4.98
CA ALA A 58 -11.55 -15.02 -3.59
C ALA A 58 -10.49 -13.96 -3.35
N THR A 59 -10.51 -13.42 -2.14
CA THR A 59 -9.47 -12.54 -1.69
C THR A 59 -8.59 -13.29 -0.70
N ALA A 60 -7.45 -12.69 -0.36
CA ALA A 60 -6.48 -13.38 0.46
C ALA A 60 -7.02 -13.47 1.89
N PRO A 61 -6.67 -14.53 2.62
CA PRO A 61 -7.08 -14.64 4.02
C PRO A 61 -6.68 -13.43 4.80
N ARG A 62 -7.63 -12.77 5.44
CA ARG A 62 -7.25 -11.65 6.27
C ARG A 62 -8.11 -11.63 7.51
N PRO A 63 -7.57 -11.13 8.61
CA PRO A 63 -8.38 -10.90 9.78
C PRO A 63 -9.23 -9.67 9.56
N PRO A 64 -10.38 -9.58 10.21
CA PRO A 64 -11.13 -8.33 10.13
C PRO A 64 -10.29 -7.21 10.70
N TYR A 65 -10.49 -6.02 10.15
CA TYR A 65 -9.88 -4.83 10.72
C TYR A 65 -10.35 -4.69 12.17
N PRO A 66 -9.55 -4.05 13.03
CA PRO A 66 -10.07 -3.70 14.36
C PRO A 66 -11.34 -2.89 14.18
N GLU A 67 -12.33 -3.10 15.06
CA GLU A 67 -13.65 -2.50 14.89
C GLU A 67 -13.57 -1.00 14.58
N ALA A 68 -12.64 -0.30 15.20
CA ALA A 68 -12.52 1.14 14.96
C ALA A 68 -12.20 1.43 13.50
N ILE A 69 -11.15 0.79 12.99
CA ILE A 69 -10.78 0.95 11.57
C ILE A 69 -11.87 0.37 10.68
N GLY A 70 -12.39 -0.82 11.02
CA GLY A 70 -13.30 -1.54 10.15
C GLY A 70 -14.63 -0.85 9.91
N ALA A 71 -15.05 0.04 10.83
CA ALA A 71 -16.26 0.81 10.59
C ALA A 71 -16.04 1.85 9.51
N LEU A 72 -14.81 2.35 9.39
CA LEU A 72 -14.48 3.34 8.36
C LEU A 72 -13.98 2.70 7.09
N LEU A 73 -13.15 1.68 7.22
CA LEU A 73 -12.55 0.96 6.10
C LEU A 73 -13.29 -0.38 6.03
N ILE A 74 -14.38 -0.43 5.26
CA ILE A 74 -15.20 -1.62 5.21
C ILE A 74 -14.67 -2.51 4.09
N GLU A 75 -14.05 -3.61 4.48
CA GLU A 75 -13.46 -4.51 3.53
C GLU A 75 -14.50 -5.45 2.95
N ARG A 76 -14.27 -5.87 1.72
CA ARG A 76 -15.14 -6.81 1.03
C ARG A 76 -14.34 -8.10 0.90
N PHE A 77 -14.65 -9.06 1.76
CA PHE A 77 -14.01 -10.36 1.71
C PHE A 77 -14.71 -11.21 0.67
N ILE A 78 -13.93 -11.95 -0.10
CA ILE A 78 -14.50 -12.92 -1.03
C ILE A 78 -13.91 -14.27 -0.68
N PRO A 79 -14.75 -15.25 -0.31
CA PRO A 79 -14.22 -16.52 0.16
C PRO A 79 -13.60 -17.30 -0.97
N GLY A 80 -12.72 -18.21 -0.60
CA GLY A 80 -12.17 -19.16 -1.55
C GLY A 80 -10.66 -19.18 -1.51
N ASP A 81 -10.13 -20.18 -2.18
CA ASP A 81 -8.69 -20.42 -2.19
C ASP A 81 -8.00 -19.81 -3.39
N ASP A 82 -8.74 -19.55 -4.46
CA ASP A 82 -8.13 -19.12 -5.72
C ASP A 82 -8.10 -17.59 -5.75
N TYR A 83 -7.20 -17.04 -4.95
CA TYR A 83 -7.26 -15.60 -4.75
C TYR A 83 -6.10 -14.85 -5.37
N LEU A 84 -5.11 -15.53 -5.94
CA LEU A 84 -4.01 -14.84 -6.62
C LEU A 84 -4.46 -14.53 -8.04
N THR A 85 -5.35 -13.57 -8.12
CA THR A 85 -5.96 -13.19 -9.36
C THR A 85 -5.86 -11.69 -9.51
N LEU A 86 -6.01 -11.26 -10.73
CA LEU A 86 -5.95 -9.84 -11.01
C LEU A 86 -7.16 -9.48 -11.83
N ASN A 87 -7.42 -8.20 -11.88
CA ASN A 87 -8.58 -7.67 -12.55
C ASN A 87 -8.11 -6.60 -13.49
N VAL A 88 -8.72 -6.54 -14.66
CA VAL A 88 -8.26 -5.62 -15.69
C VAL A 88 -9.46 -4.86 -16.21
N TRP A 89 -9.33 -3.54 -16.22
CA TRP A 89 -10.26 -2.67 -16.89
C TRP A 89 -9.53 -2.03 -18.05
N THR A 90 -10.09 -2.17 -19.24
CA THR A 90 -9.49 -1.49 -20.32
C THR A 90 -10.60 -0.90 -21.17
N PRO A 91 -10.39 0.28 -21.74
CA PRO A 91 -11.40 0.81 -22.66
C PRO A 91 -11.50 -0.03 -23.90
N ASP A 92 -10.43 -0.72 -24.27
CA ASP A 92 -10.49 -1.56 -25.44
C ASP A 92 -9.26 -2.44 -25.49
N PRO A 93 -9.42 -3.76 -25.39
CA PRO A 93 -8.25 -4.65 -25.51
C PRO A 93 -7.46 -4.46 -26.77
N ASN A 94 -8.07 -3.94 -27.82
CA ASN A 94 -7.34 -3.74 -29.07
C ASN A 94 -6.60 -2.43 -29.13
N ALA A 95 -6.69 -1.60 -28.09
CA ALA A 95 -6.02 -0.32 -28.13
C ALA A 95 -4.51 -0.51 -28.27
N VAL A 96 -3.87 0.54 -28.75
CA VAL A 96 -2.44 0.54 -28.96
C VAL A 96 -1.80 1.28 -27.80
N GLY A 97 -1.15 0.53 -26.92
CA GLY A 97 -0.14 1.13 -26.07
C GLY A 97 -0.72 2.05 -25.01
N LEU A 98 -1.84 1.66 -24.42
CA LEU A 98 -2.42 2.45 -23.35
C LEU A 98 -1.52 2.43 -22.13
N PRO A 99 -1.49 3.53 -21.38
CA PRO A 99 -0.88 3.49 -20.05
C PRO A 99 -1.55 2.41 -19.26
N VAL A 100 -0.76 1.73 -18.43
CA VAL A 100 -1.27 0.68 -17.58
C VAL A 100 -0.97 1.11 -16.17
N MET A 101 -1.99 1.11 -15.33
CA MET A 101 -1.82 1.33 -13.91
C MET A 101 -2.11 0.03 -13.20
N VAL A 102 -1.15 -0.39 -12.40
CA VAL A 102 -1.25 -1.62 -11.62
C VAL A 102 -1.34 -1.21 -10.18
N TRP A 103 -2.46 -1.52 -9.57
CA TRP A 103 -2.76 -1.12 -8.21
C TRP A 103 -2.31 -2.21 -7.26
N ILE A 104 -1.50 -1.83 -6.28
CA ILE A 104 -1.13 -2.71 -5.19
C ILE A 104 -1.83 -2.18 -3.97
N HIS A 105 -2.86 -2.89 -3.55
CA HIS A 105 -3.65 -2.40 -2.45
C HIS A 105 -2.83 -2.36 -1.18
N GLY A 106 -3.21 -1.48 -0.28
CA GLY A 106 -2.65 -1.45 1.05
C GLY A 106 -3.52 -2.23 2.01
N GLY A 107 -3.23 -2.05 3.29
CA GLY A 107 -3.84 -2.86 4.32
C GLY A 107 -2.80 -3.44 5.26
N ALA A 108 -1.68 -2.75 5.43
CA ALA A 108 -0.67 -3.09 6.42
C ALA A 108 -0.12 -4.50 6.22
N PHE A 109 -0.18 -5.02 4.99
CA PHE A 109 0.29 -6.35 4.59
C PHE A 109 -0.53 -7.45 5.19
N THR A 110 -1.57 -7.13 5.95
CA THR A 110 -2.42 -8.16 6.50
C THR A 110 -3.82 -8.09 5.93
N ASN A 111 -4.19 -6.96 5.38
CA ASN A 111 -5.55 -6.73 4.97
C ASN A 111 -5.56 -6.20 3.55
N GLY A 112 -6.76 -5.93 3.07
CA GLY A 112 -6.94 -5.42 1.75
C GLY A 112 -7.11 -6.52 0.73
N SER A 113 -7.49 -6.09 -0.46
CA SER A 113 -7.53 -6.93 -1.64
C SER A 113 -7.49 -5.98 -2.81
N GLY A 114 -7.15 -6.54 -3.98
CA GLY A 114 -7.21 -5.71 -5.16
C GLY A 114 -8.63 -5.40 -5.59
N SER A 115 -9.57 -6.20 -5.13
CA SER A 115 -10.92 -6.15 -5.64
C SER A 115 -11.84 -5.34 -4.75
N GLU A 116 -11.32 -4.63 -3.76
CA GLU A 116 -12.21 -3.82 -2.95
C GLU A 116 -13.00 -2.87 -3.84
N PRO A 117 -14.29 -2.69 -3.57
CA PRO A 117 -15.12 -1.80 -4.39
C PRO A 117 -14.49 -0.45 -4.67
N VAL A 118 -13.83 0.16 -3.69
CA VAL A 118 -13.27 1.48 -3.89
C VAL A 118 -12.17 1.44 -4.95
N TYR A 119 -11.54 0.29 -5.16
CA TYR A 119 -10.46 0.17 -6.14
C TYR A 119 -10.97 -0.16 -7.53
N ASP A 120 -12.23 0.14 -7.82
CA ASP A 120 -12.77 -0.12 -9.14
C ASP A 120 -11.93 0.59 -10.20
N GLY A 121 -11.56 -0.15 -11.25
CA GLY A 121 -10.72 0.48 -12.22
C GLY A 121 -11.43 1.20 -13.34
N ALA A 122 -12.77 1.22 -13.30
CA ALA A 122 -13.53 1.72 -14.43
C ALA A 122 -13.19 3.17 -14.75
N ALA A 123 -13.02 4.01 -13.73
CA ALA A 123 -12.72 5.41 -13.98
C ALA A 123 -11.39 5.58 -14.67
N PHE A 124 -10.45 4.67 -14.41
CA PHE A 124 -9.20 4.71 -15.12
C PHE A 124 -9.38 4.27 -16.56
N ALA A 125 -10.11 3.17 -16.77
CA ALA A 125 -10.32 2.70 -18.13
C ALA A 125 -11.05 3.75 -18.95
N ARG A 126 -12.05 4.40 -18.35
CA ARG A 126 -12.78 5.45 -19.05
C ARG A 126 -11.85 6.54 -19.53
N ASP A 127 -10.77 6.78 -18.79
CA ASP A 127 -9.81 7.82 -19.12
C ASP A 127 -8.67 7.31 -19.97
N GLY A 128 -8.84 6.16 -20.61
CA GLY A 128 -7.84 5.70 -21.54
C GLY A 128 -6.66 5.01 -20.91
N VAL A 129 -6.83 4.56 -19.66
CA VAL A 129 -5.79 3.86 -18.93
C VAL A 129 -6.26 2.42 -18.69
N VAL A 130 -5.39 1.46 -18.95
CA VAL A 130 -5.66 0.10 -18.56
C VAL A 130 -5.33 0.00 -17.07
N PHE A 131 -6.29 -0.45 -16.30
CA PHE A 131 -6.16 -0.53 -14.86
C PHE A 131 -6.13 -2.00 -14.45
N VAL A 132 -5.15 -2.35 -13.63
CA VAL A 132 -5.00 -3.71 -13.15
C VAL A 132 -4.94 -3.66 -11.64
N SER A 133 -5.77 -4.46 -11.00
CA SER A 133 -5.68 -4.65 -9.56
C SER A 133 -5.53 -6.13 -9.32
N PHE A 134 -5.03 -6.49 -8.14
CA PHE A 134 -4.78 -7.89 -7.93
C PHE A 134 -4.66 -8.14 -6.45
N ASN A 135 -4.77 -9.41 -6.08
CA ASN A 135 -4.54 -9.83 -4.72
C ASN A 135 -3.15 -10.44 -4.64
N TYR A 136 -2.46 -10.16 -3.55
CA TYR A 136 -1.21 -10.81 -3.21
C TYR A 136 -1.37 -11.40 -1.82
N ARG A 137 -0.53 -12.38 -1.52
CA ARG A 137 -0.66 -13.03 -0.23
C ARG A 137 -0.35 -12.07 0.89
N LEU A 138 -1.02 -12.27 2.00
CA LEU A 138 -1.07 -11.29 3.07
C LEU A 138 -0.67 -11.97 4.37
N GLY A 139 -0.24 -11.15 5.32
CA GLY A 139 -0.09 -11.63 6.67
C GLY A 139 0.94 -12.74 6.76
N ILE A 140 0.64 -13.73 7.60
CA ILE A 140 1.58 -14.85 7.78
C ILE A 140 1.87 -15.51 6.45
N ILE A 141 0.81 -15.82 5.72
CA ILE A 141 0.96 -16.51 4.45
C ILE A 141 1.81 -15.68 3.50
N GLY A 142 1.55 -14.38 3.44
CA GLY A 142 2.30 -13.56 2.51
C GLY A 142 3.72 -13.28 2.94
N PHE A 143 3.95 -13.13 4.25
CA PHE A 143 5.18 -12.48 4.67
C PHE A 143 5.88 -13.06 5.89
N ALA A 144 5.25 -13.95 6.65
CA ALA A 144 5.98 -14.53 7.77
C ALA A 144 7.18 -15.28 7.23
N ASP A 145 8.34 -15.02 7.81
CA ASP A 145 9.55 -15.58 7.27
C ASP A 145 9.78 -16.96 7.85
N LEU A 146 10.05 -17.91 6.97
CA LEU A 146 10.19 -19.29 7.36
C LEU A 146 11.44 -19.84 6.70
N PRO A 147 12.17 -20.70 7.39
CA PRO A 147 13.45 -21.17 6.83
C PRO A 147 13.24 -22.03 5.60
N ASP A 148 12.06 -22.62 5.43
CA ASP A 148 11.78 -23.54 4.34
C ASP A 148 10.76 -22.96 3.37
N ALA A 149 10.75 -21.65 3.22
CA ALA A 149 9.83 -21.04 2.30
C ALA A 149 10.53 -19.82 1.76
N PRO A 150 10.36 -19.53 0.47
CA PRO A 150 10.85 -18.27 -0.05
C PRO A 150 10.26 -17.14 0.75
N SER A 151 11.08 -16.15 1.04
CA SER A 151 10.61 -15.03 1.82
C SER A 151 9.63 -14.21 1.00
N ASN A 152 8.75 -13.50 1.69
CA ASN A 152 7.97 -12.43 1.06
C ASN A 152 7.13 -12.94 -0.11
N ARG A 153 6.33 -13.97 0.15
CA ARG A 153 5.45 -14.49 -0.90
C ARG A 153 4.61 -13.37 -1.47
N GLY A 154 4.05 -12.53 -0.61
CA GLY A 154 3.24 -11.43 -1.08
C GLY A 154 3.98 -10.54 -2.07
N LEU A 155 5.27 -10.32 -1.82
CA LEU A 155 6.06 -9.54 -2.77
C LEU A 155 6.26 -10.34 -4.04
N LEU A 156 6.55 -11.63 -3.92
CA LEU A 156 6.66 -12.48 -5.09
C LEU A 156 5.37 -12.44 -5.89
N ASP A 157 4.23 -12.44 -5.19
CA ASP A 157 2.95 -12.35 -5.87
C ASP A 157 2.82 -11.07 -6.66
N GLN A 158 3.22 -9.96 -6.04
CA GLN A 158 3.16 -8.68 -6.75
C GLN A 158 4.04 -8.73 -7.97
N ILE A 159 5.23 -9.30 -7.83
CA ILE A 159 6.09 -9.45 -9.00
C ILE A 159 5.41 -10.30 -10.06
N ALA A 160 4.85 -11.43 -9.64
CA ALA A 160 4.16 -12.30 -10.60
C ALA A 160 2.99 -11.57 -11.27
N ALA A 161 2.25 -10.77 -10.50
CA ALA A 161 1.17 -9.97 -11.08
C ALA A 161 1.71 -8.98 -12.09
N LEU A 162 2.78 -8.26 -11.73
CA LEU A 162 3.39 -7.32 -12.66
C LEU A 162 3.97 -8.05 -13.87
N GLU A 163 4.50 -9.25 -13.66
CA GLU A 163 4.97 -10.03 -14.80
C GLU A 163 3.81 -10.44 -15.68
N TRP A 164 2.69 -10.78 -15.06
CA TRP A 164 1.49 -11.05 -15.84
C TRP A 164 1.14 -9.83 -16.70
N VAL A 165 1.14 -8.65 -16.08
CA VAL A 165 0.87 -7.43 -16.83
C VAL A 165 1.88 -7.30 -17.97
N ARG A 166 3.16 -7.40 -17.66
CA ARG A 166 4.18 -7.33 -18.71
C ARG A 166 3.82 -8.28 -19.85
N ASP A 167 3.47 -9.50 -19.49
CA ASP A 167 3.34 -10.55 -20.50
C ASP A 167 2.00 -10.56 -21.20
N ASN A 168 0.98 -9.94 -20.59
CA ASN A 168 -0.39 -10.05 -21.08
C ASN A 168 -1.05 -8.73 -21.39
N ILE A 169 -0.56 -7.61 -20.86
CA ILE A 169 -1.41 -6.42 -20.89
C ILE A 169 -1.57 -5.87 -22.28
N ALA A 170 -0.67 -6.19 -23.20
CA ALA A 170 -0.87 -5.73 -24.57
C ALA A 170 -2.15 -6.31 -25.15
N ARG A 171 -2.53 -7.50 -24.71
CA ARG A 171 -3.77 -8.11 -25.18
C ARG A 171 -4.99 -7.45 -24.58
N PHE A 172 -4.78 -6.57 -23.60
CA PHE A 172 -5.84 -5.77 -23.01
C PHE A 172 -5.68 -4.32 -23.37
N GLY A 173 -4.89 -4.03 -24.39
CA GLY A 173 -4.74 -2.68 -24.88
C GLY A 173 -3.66 -1.88 -24.21
N GLY A 174 -2.97 -2.46 -23.24
CA GLY A 174 -2.01 -1.71 -22.46
C GLY A 174 -0.60 -1.78 -23.03
N ASP A 175 0.15 -0.72 -22.77
CA ASP A 175 1.58 -0.74 -23.09
C ASP A 175 2.29 -1.32 -21.89
N PRO A 176 2.87 -2.52 -22.00
CA PRO A 176 3.69 -3.03 -20.89
C PRO A 176 4.87 -2.14 -20.59
N GLY A 177 5.27 -1.29 -21.53
CA GLY A 177 6.33 -0.34 -21.32
C GLY A 177 5.86 0.97 -20.76
N ASN A 178 4.57 1.07 -20.44
CA ASN A 178 4.07 2.25 -19.75
C ASN A 178 3.23 1.81 -18.57
N VAL A 179 3.84 1.02 -17.70
CA VAL A 179 3.15 0.55 -16.49
C VAL A 179 3.48 1.50 -15.36
N THR A 180 2.44 2.06 -14.74
CA THR A 180 2.58 2.77 -13.48
C THR A 180 2.05 1.86 -12.40
N VAL A 181 2.92 1.43 -11.53
CA VAL A 181 2.48 0.68 -10.37
C VAL A 181 2.11 1.71 -9.32
N PHE A 182 1.04 1.46 -8.60
CA PHE A 182 0.72 2.42 -7.57
C PHE A 182 0.05 1.67 -6.46
N GLY A 183 0.13 2.27 -5.29
CA GLY A 183 -0.45 1.58 -4.15
C GLY A 183 -0.54 2.54 -3.01
N GLU A 184 -1.28 2.09 -2.01
CA GLU A 184 -1.55 2.87 -0.83
C GLU A 184 -0.86 2.20 0.33
N SER A 185 -0.05 2.98 1.04
CA SER A 185 0.62 2.53 2.25
C SER A 185 1.27 1.18 2.06
N ALA A 186 0.72 0.07 2.60
CA ALA A 186 1.42 -1.20 2.37
C ALA A 186 1.64 -1.45 0.89
N GLY A 187 0.69 -1.04 0.06
CA GLY A 187 0.87 -1.17 -1.38
C GLY A 187 1.96 -0.26 -1.90
N ALA A 188 2.04 0.97 -1.39
CA ALA A 188 3.13 1.87 -1.77
C ALA A 188 4.46 1.38 -1.20
N MET A 189 4.46 0.93 0.05
CA MET A 189 5.65 0.32 0.61
C MET A 189 6.08 -0.85 -0.23
N SER A 190 5.11 -1.63 -0.72
CA SER A 190 5.42 -2.74 -1.63
C SER A 190 6.10 -2.23 -2.88
N VAL A 191 5.55 -1.15 -3.46
CA VAL A 191 6.18 -0.55 -4.64
C VAL A 191 7.62 -0.19 -4.34
N CYS A 192 7.85 0.49 -3.21
CA CYS A 192 9.23 0.82 -2.83
C CYS A 192 10.07 -0.43 -2.70
N THR A 193 9.48 -1.47 -2.12
CA THR A 193 10.19 -2.73 -1.97
C THR A 193 10.49 -3.32 -3.32
N LEU A 194 9.54 -3.23 -4.25
CA LEU A 194 9.75 -3.71 -5.60
C LEU A 194 10.89 -2.95 -6.28
N MET A 195 10.93 -1.64 -6.08
CA MET A 195 12.04 -0.85 -6.58
C MET A 195 13.37 -1.42 -6.12
N ALA A 196 13.40 -1.89 -4.88
CA ALA A 196 14.58 -2.41 -4.20
C ALA A 196 14.84 -3.87 -4.53
N THR A 197 13.96 -4.48 -5.35
CA THR A 197 14.04 -5.93 -5.58
C THR A 197 14.45 -6.20 -7.01
N PRO A 198 15.61 -6.81 -7.20
CA PRO A 198 16.08 -7.13 -8.55
C PRO A 198 15.04 -7.86 -9.37
N ARG A 199 14.26 -8.69 -8.71
CA ARG A 199 13.29 -9.53 -9.45
C ARG A 199 12.18 -8.69 -10.08
N ALA A 200 12.00 -7.48 -9.59
CA ALA A 200 10.97 -6.64 -10.17
C ALA A 200 11.50 -5.76 -11.28
N ARG A 201 12.74 -6.01 -11.72
CA ARG A 201 13.38 -5.20 -12.74
C ARG A 201 12.47 -4.99 -13.93
N GLY A 202 12.32 -3.73 -14.33
CA GLY A 202 11.63 -3.35 -15.54
C GLY A 202 10.14 -3.55 -15.54
N LEU A 203 9.55 -3.96 -14.42
CA LEU A 203 8.13 -4.27 -14.41
C LEU A 203 7.28 -3.02 -14.26
N PHE A 204 7.89 -1.88 -14.00
CA PHE A 204 7.07 -0.69 -14.06
C PHE A 204 7.93 0.51 -14.41
N ARG A 205 7.32 1.40 -15.16
CA ARG A 205 7.96 2.61 -15.60
C ARG A 205 7.78 3.74 -14.62
N ARG A 206 6.68 3.73 -13.90
CA ARG A 206 6.35 4.81 -13.01
C ARG A 206 5.77 4.20 -11.75
N ALA A 207 5.71 5.04 -10.73
CA ALA A 207 5.25 4.58 -9.44
C ALA A 207 4.48 5.73 -8.82
N ILE A 208 3.33 5.43 -8.25
CA ILE A 208 2.66 6.39 -7.38
C ILE A 208 2.66 5.78 -6.00
N LEU A 209 3.24 6.50 -5.07
CA LEU A 209 3.34 6.09 -3.68
C LEU A 209 2.35 6.93 -2.91
N GLN A 210 1.21 6.35 -2.63
CA GLN A 210 0.19 7.00 -1.82
C GLN A 210 0.43 6.57 -0.39
N SER A 211 1.06 7.45 0.37
CA SER A 211 1.23 7.24 1.80
C SER A 211 1.97 5.96 2.12
N GLY A 212 3.07 5.74 1.43
CA GLY A 212 3.89 4.64 1.83
C GLY A 212 5.26 4.85 1.22
N ALA A 213 6.27 4.50 2.00
CA ALA A 213 7.63 4.75 1.55
C ALA A 213 8.44 3.49 1.74
N GLY A 214 9.72 3.65 2.04
CA GLY A 214 10.64 2.55 1.95
C GLY A 214 11.08 2.06 3.30
N ASN A 215 10.33 2.44 4.32
CA ASN A 215 10.71 2.19 5.70
C ASN A 215 10.08 0.93 6.28
N MET A 216 9.21 0.25 5.54
CA MET A 216 8.34 -0.74 6.14
C MET A 216 8.86 -2.14 5.79
N ALA A 217 9.83 -2.58 6.58
CA ALA A 217 10.42 -3.88 6.35
C ALA A 217 10.75 -4.47 7.71
N VAL A 218 10.77 -5.78 7.76
CA VAL A 218 11.05 -6.49 8.98
C VAL A 218 12.47 -7.02 8.89
N ALA A 219 13.29 -6.68 9.88
CA ALA A 219 14.62 -7.26 9.93
C ALA A 219 14.49 -8.77 9.99
N ALA A 220 15.38 -9.46 9.26
CA ALA A 220 15.30 -10.92 9.20
C ALA A 220 15.24 -11.52 10.59
N GLU A 221 16.04 -11.00 11.52
CA GLU A 221 16.03 -11.58 12.84
C GLU A 221 14.71 -11.37 13.56
N ASP A 222 14.03 -10.25 13.29
CA ASP A 222 12.72 -10.01 13.88
C ASP A 222 11.66 -10.88 13.25
N ALA A 223 11.72 -11.05 11.93
CA ALA A 223 10.78 -11.94 11.27
C ALA A 223 10.93 -13.36 11.80
N THR A 224 12.16 -13.78 12.03
CA THR A 224 12.39 -15.08 12.64
C THR A 224 11.73 -15.16 14.00
N THR A 225 11.90 -14.11 14.81
CA THR A 225 11.25 -14.08 16.11
C THR A 225 9.75 -14.15 15.96
N ILE A 226 9.20 -13.38 15.01
CA ILE A 226 7.77 -13.33 14.80
C ILE A 226 7.24 -14.69 14.40
N ALA A 227 7.93 -15.36 13.47
CA ALA A 227 7.48 -16.69 13.07
C ALA A 227 7.58 -17.65 14.25
N ALA A 228 8.62 -17.53 15.07
CA ALA A 228 8.76 -18.39 16.23
C ALA A 228 7.59 -18.21 17.20
N VAL A 229 7.20 -16.96 17.44
CA VAL A 229 6.07 -16.70 18.33
C VAL A 229 4.79 -17.26 17.72
N ILE A 230 4.56 -16.96 16.44
CA ILE A 230 3.39 -17.48 15.74
C ILE A 230 3.32 -18.99 15.90
N ALA A 231 4.44 -19.66 15.59
CA ALA A 231 4.48 -21.11 15.61
C ALA A 231 4.27 -21.63 17.02
N HIS A 232 4.98 -21.02 17.97
CA HIS A 232 4.78 -21.40 19.37
C HIS A 232 3.31 -21.34 19.75
N ARG A 233 2.63 -20.25 19.37
CA ARG A 233 1.23 -20.11 19.75
C ARG A 233 0.35 -21.09 19.02
N LEU A 234 0.73 -21.47 17.80
CA LEU A 234 0.01 -22.48 17.07
C LEU A 234 0.36 -23.89 17.53
N GLY A 235 1.36 -24.03 18.39
CA GLY A 235 1.80 -25.35 18.79
C GLY A 235 2.41 -26.16 17.68
N VAL A 236 3.06 -25.51 16.73
CA VAL A 236 3.72 -26.18 15.62
C VAL A 236 5.11 -25.57 15.47
N GLU A 237 5.90 -26.17 14.58
CA GLU A 237 7.23 -25.70 14.29
C GLU A 237 7.14 -24.41 13.47
N PRO A 238 8.14 -23.52 13.59
CA PRO A 238 8.10 -22.30 12.76
C PRO A 238 8.65 -22.57 11.36
N THR A 239 7.86 -23.32 10.59
CA THR A 239 8.22 -23.76 9.26
C THR A 239 7.00 -23.71 8.37
N ALA A 240 7.26 -23.50 7.08
CA ALA A 240 6.22 -23.74 6.09
C ALA A 240 5.72 -25.17 6.22
N ALA A 241 6.63 -26.12 6.48
CA ALA A 241 6.22 -27.51 6.59
C ALA A 241 5.12 -27.67 7.64
N ALA A 242 5.18 -26.89 8.71
CA ALA A 242 4.14 -26.97 9.73
C ALA A 242 2.97 -26.06 9.40
N LEU A 243 3.27 -24.81 9.03
CA LEU A 243 2.22 -23.84 8.88
C LEU A 243 1.32 -24.15 7.69
N ALA A 244 1.80 -24.97 6.76
CA ALA A 244 0.99 -25.38 5.61
C ALA A 244 -0.27 -26.08 6.05
N HIS A 245 -0.31 -26.59 7.27
CA HIS A 245 -1.39 -27.47 7.68
C HIS A 245 -2.30 -26.79 8.68
N VAL A 246 -1.97 -25.58 9.10
CA VAL A 246 -2.75 -24.86 10.10
C VAL A 246 -4.00 -24.30 9.45
N PRO A 247 -5.19 -24.62 9.96
CA PRO A 247 -6.40 -24.01 9.41
C PRO A 247 -6.25 -22.50 9.41
N VAL A 248 -6.70 -21.88 8.31
CA VAL A 248 -6.41 -20.46 8.11
C VAL A 248 -7.02 -19.62 9.22
N ALA A 249 -8.15 -20.05 9.79
CA ALA A 249 -8.72 -19.31 10.91
C ALA A 249 -7.76 -19.24 12.07
N GLN A 250 -7.06 -20.34 12.35
CA GLN A 250 -6.08 -20.31 13.43
C GLN A 250 -4.90 -19.43 13.06
N LEU A 251 -4.46 -19.54 11.82
CA LEU A 251 -3.39 -18.69 11.31
C LEU A 251 -3.76 -17.23 11.53
N LEU A 252 -4.96 -16.85 11.07
CA LEU A 252 -5.39 -15.46 11.14
C LEU A 252 -5.58 -15.03 12.58
N ASP A 253 -5.98 -15.95 13.42
CA ASP A 253 -6.15 -15.61 14.85
C ASP A 253 -4.81 -15.21 15.45
N VAL A 254 -3.84 -16.11 15.29
CA VAL A 254 -2.53 -15.81 15.84
C VAL A 254 -1.90 -14.63 15.11
N GLN A 255 -2.16 -14.52 13.82
CA GLN A 255 -1.70 -13.35 13.08
C GLN A 255 -2.21 -12.07 13.71
N GLN A 256 -3.50 -12.05 14.05
CA GLN A 256 -4.08 -10.88 14.67
C GLN A 256 -3.47 -10.61 16.03
N GLN A 257 -3.23 -11.65 16.83
CA GLN A 257 -2.60 -11.40 18.13
C GLN A 257 -1.22 -10.79 17.95
N VAL A 258 -0.46 -11.30 16.98
CA VAL A 258 0.85 -10.73 16.69
C VAL A 258 0.69 -9.28 16.25
N ALA A 259 -0.22 -9.01 15.32
CA ALA A 259 -0.45 -7.64 14.88
C ALA A 259 -0.74 -6.73 16.06
N GLN A 260 -1.70 -7.13 16.91
CA GLN A 260 -2.08 -6.27 18.02
C GLN A 260 -0.93 -6.06 18.99
N GLU A 261 -0.17 -7.12 19.27
CA GLU A 261 0.92 -7.02 20.23
C GLU A 261 2.05 -6.15 19.69
N ILE A 262 2.35 -6.28 18.40
CA ILE A 262 3.38 -5.45 17.82
C ILE A 262 2.91 -4.01 17.69
N GLN A 263 1.60 -3.80 17.49
CA GLN A 263 1.08 -2.45 17.41
C GLN A 263 1.17 -1.75 18.76
N GLY A 264 1.08 -2.50 19.84
CA GLY A 264 1.25 -1.96 21.18
C GLY A 264 2.71 -2.00 21.60
N ALA A 265 2.93 -2.20 22.90
CA ALA A 265 4.26 -2.35 23.46
C ALA A 265 4.53 -3.83 23.61
N PRO A 266 5.32 -4.44 22.73
CA PRO A 266 5.50 -5.90 22.79
C PRO A 266 6.17 -6.31 24.09
N ASP A 267 5.61 -7.31 24.73
CA ASP A 267 6.19 -7.88 25.93
C ASP A 267 7.59 -8.40 25.62
N PRO A 268 8.64 -7.83 26.22
CA PRO A 268 10.00 -8.34 25.96
C PRO A 268 10.17 -9.82 26.27
N ALA A 269 9.45 -10.34 27.27
CA ALA A 269 9.60 -11.75 27.60
C ALA A 269 9.14 -12.64 26.45
N VAL A 270 8.18 -12.16 25.66
CA VAL A 270 7.69 -12.91 24.51
C VAL A 270 8.47 -12.54 23.25
N TRP A 271 8.77 -11.26 23.09
CA TRP A 271 9.21 -10.72 21.81
C TRP A 271 10.69 -10.40 21.73
N GLY A 272 11.41 -10.46 22.84
CA GLY A 272 12.79 -10.03 22.85
C GLY A 272 12.91 -8.52 22.89
N GLU A 273 14.15 -8.06 23.08
CA GLU A 273 14.38 -6.64 23.33
C GLU A 273 14.17 -5.81 22.07
N ARG A 274 14.68 -6.28 20.93
CA ARG A 274 14.55 -5.52 19.69
C ARG A 274 13.09 -5.17 19.42
N ILE A 275 12.24 -6.20 19.39
CA ILE A 275 10.85 -5.98 19.04
C ILE A 275 10.14 -5.18 20.13
N ALA A 276 10.46 -5.48 21.39
CA ALA A 276 9.94 -4.65 22.47
C ALA A 276 10.40 -3.21 22.31
N GLY A 277 11.60 -2.99 21.80
CA GLY A 277 12.11 -1.66 21.55
C GLY A 277 11.56 -0.98 20.33
N GLY A 278 10.64 -1.62 19.61
CA GLY A 278 10.03 -1.04 18.44
C GLY A 278 10.74 -1.30 17.13
N SER A 279 11.58 -2.34 17.06
CA SER A 279 12.31 -2.62 15.83
C SER A 279 11.39 -3.02 14.69
N VAL A 280 10.15 -3.38 15.00
CA VAL A 280 9.18 -3.78 14.01
C VAL A 280 8.08 -2.74 13.98
N LEU A 281 7.85 -2.16 12.80
CA LEU A 281 6.68 -1.31 12.62
C LEU A 281 5.48 -2.18 12.31
N LEU A 282 5.50 -2.85 11.18
CA LEU A 282 4.45 -3.78 10.82
C LEU A 282 5.03 -5.18 10.81
N PRO A 283 4.45 -6.12 11.55
CA PRO A 283 5.08 -7.43 11.72
C PRO A 283 4.96 -8.34 10.52
N PHE A 284 4.13 -7.99 9.55
CA PHE A 284 4.04 -8.79 8.33
C PHE A 284 4.40 -7.95 7.13
N ALA A 285 5.11 -6.85 7.36
CA ALA A 285 5.75 -6.17 6.26
C ALA A 285 6.80 -7.08 5.64
N PRO A 286 7.27 -6.75 4.45
CA PRO A 286 8.29 -7.58 3.79
C PRO A 286 9.51 -7.73 4.68
N VAL A 287 10.06 -8.91 4.67
CA VAL A 287 11.23 -9.18 5.48
C VAL A 287 12.44 -8.80 4.67
N ILE A 288 13.45 -8.25 5.34
CA ILE A 288 14.73 -8.01 4.69
C ILE A 288 15.40 -9.36 4.67
N ASP A 289 15.08 -10.18 3.67
CA ASP A 289 15.48 -11.57 3.71
C ASP A 289 16.92 -11.76 3.25
N GLY A 290 17.46 -10.82 2.48
CA GLY A 290 18.80 -10.89 1.97
C GLY A 290 18.89 -11.33 0.53
N GLU A 291 17.97 -12.18 0.08
CA GLU A 291 18.00 -12.67 -1.30
C GLU A 291 17.05 -11.86 -2.17
N LEU A 292 15.78 -11.81 -1.78
CA LEU A 292 14.81 -11.04 -2.52
C LEU A 292 14.94 -9.57 -2.18
N LEU A 293 14.94 -9.26 -0.88
CA LEU A 293 15.07 -7.89 -0.38
C LEU A 293 16.34 -7.81 0.44
N SER A 294 17.35 -7.14 -0.09
CA SER A 294 18.67 -7.18 0.53
C SER A 294 18.82 -6.14 1.64
N GLN A 295 18.02 -5.09 1.60
CA GLN A 295 18.13 -4.03 2.58
C GLN A 295 16.77 -3.36 2.64
N ARG A 296 16.62 -2.46 3.60
CA ARG A 296 15.37 -1.74 3.67
C ARG A 296 15.20 -0.95 2.38
N PRO A 297 13.99 -0.92 1.83
CA PRO A 297 13.81 -0.25 0.52
C PRO A 297 14.30 1.19 0.54
N ALA A 298 14.14 1.89 1.66
CA ALA A 298 14.56 3.29 1.71
C ALA A 298 16.04 3.42 1.43
N GLU A 299 16.84 2.48 1.96
CA GLU A 299 18.27 2.53 1.72
C GLU A 299 18.57 2.13 0.29
N ALA A 300 17.89 1.11 -0.21
CA ALA A 300 18.04 0.77 -1.62
C ALA A 300 17.73 1.97 -2.50
N ILE A 301 16.65 2.68 -2.18
CA ILE A 301 16.26 3.82 -2.99
C ILE A 301 17.26 4.95 -2.81
N ALA A 302 17.77 5.13 -1.59
CA ALA A 302 18.79 6.15 -1.38
C ALA A 302 20.00 5.90 -2.26
N GLY A 303 20.28 4.64 -2.56
CA GLY A 303 21.39 4.23 -3.41
C GLY A 303 21.04 4.18 -4.88
N GLY A 304 19.85 4.60 -5.26
CA GLY A 304 19.48 4.68 -6.65
C GLY A 304 18.38 3.73 -7.07
N ALA A 305 17.89 2.84 -6.21
CA ALA A 305 16.82 1.93 -6.61
C ALA A 305 15.61 2.74 -7.04
N GLY A 306 15.08 2.40 -8.21
CA GLY A 306 13.94 3.09 -8.77
C GLY A 306 14.22 4.46 -9.31
N HIS A 307 15.48 4.87 -9.40
CA HIS A 307 15.74 6.21 -9.89
C HIS A 307 15.40 6.35 -11.37
N ASP A 308 15.24 5.26 -12.07
CA ASP A 308 14.79 5.29 -13.45
C ASP A 308 13.28 5.31 -13.55
N VAL A 309 12.59 5.25 -12.42
CA VAL A 309 11.14 5.15 -12.36
C VAL A 309 10.58 6.52 -12.02
N ASP A 310 9.70 7.04 -12.86
CA ASP A 310 8.99 8.26 -12.50
C ASP A 310 8.20 8.03 -11.24
N LEU A 311 8.14 9.05 -10.40
CA LEU A 311 7.59 8.89 -9.07
C LEU A 311 6.62 10.02 -8.79
N LEU A 312 5.40 9.64 -8.45
CA LEU A 312 4.45 10.53 -7.83
C LEU A 312 4.27 10.00 -6.42
N PHE A 313 4.42 10.87 -5.44
CA PHE A 313 4.31 10.39 -4.06
C PHE A 313 3.55 11.41 -3.25
N GLY A 314 2.92 10.92 -2.19
CA GLY A 314 2.28 11.89 -1.33
C GLY A 314 1.74 11.19 -0.12
N THR A 315 1.14 12.00 0.72
CA THR A 315 0.63 11.50 1.97
C THR A 315 -0.67 12.25 2.19
N THR A 316 -1.48 11.71 3.07
CA THR A 316 -2.60 12.48 3.58
C THR A 316 -2.10 13.31 4.75
N THR A 317 -2.64 14.52 4.85
CA THR A 317 -2.14 15.47 5.83
C THR A 317 -2.21 14.90 7.22
N ASP A 318 -3.31 14.26 7.55
CA ASP A 318 -3.57 13.82 8.90
C ASP A 318 -3.63 12.30 8.95
N LEU A 319 -2.78 11.65 8.16
CA LEU A 319 -2.88 10.23 7.93
C LEU A 319 -3.20 9.46 9.20
N TYR A 320 -2.33 9.60 10.19
CA TYR A 320 -2.42 8.67 11.29
C TYR A 320 -3.58 8.97 12.22
N ARG A 321 -4.29 10.09 12.03
CA ARG A 321 -5.50 10.28 12.82
C ARG A 321 -6.50 9.14 12.63
N LEU A 322 -6.44 8.44 11.50
CA LEU A 322 -7.36 7.32 11.32
C LEU A 322 -7.18 6.27 12.42
N PHE A 323 -5.97 6.13 12.94
CA PHE A 323 -5.65 5.09 13.90
C PHE A 323 -5.73 5.56 15.34
N LEU A 324 -5.95 6.83 15.58
CA LEU A 324 -5.99 7.38 16.93
C LEU A 324 -7.29 8.07 17.26
N ALA A 325 -7.98 8.60 16.27
CA ALA A 325 -9.10 9.50 16.46
C ALA A 325 -10.49 8.85 16.50
N PRO A 326 -10.78 7.84 15.69
CA PRO A 326 -12.21 7.51 15.45
C PRO A 326 -12.96 7.05 16.68
N THR A 327 -12.28 6.60 17.73
CA THR A 327 -12.98 6.15 18.92
C THR A 327 -13.07 7.24 20.00
N GLY A 328 -12.69 8.47 19.67
CA GLY A 328 -12.84 9.56 20.62
C GLY A 328 -11.85 9.53 21.76
N LEU A 329 -10.71 8.87 21.58
CA LEU A 329 -9.76 8.69 22.65
C LEU A 329 -8.52 9.57 22.51
N LEU A 330 -8.33 10.22 21.36
CA LEU A 330 -7.22 11.16 21.22
C LEU A 330 -7.12 12.15 22.36
N PRO A 331 -8.21 12.72 22.88
CA PRO A 331 -8.06 13.73 23.93
C PRO A 331 -7.41 13.19 25.18
N PHE A 332 -7.42 11.87 25.38
CA PHE A 332 -6.81 11.28 26.56
C PHE A 332 -5.30 11.16 26.44
N ILE A 333 -4.75 11.27 25.23
CA ILE A 333 -3.31 11.16 25.08
C ILE A 333 -2.65 12.34 25.76
N THR A 334 -1.57 12.06 26.47
CA THR A 334 -0.93 13.03 27.33
C THR A 334 0.33 13.57 26.68
N SER A 335 0.68 14.79 27.09
CA SER A 335 1.93 15.39 26.66
C SER A 335 3.12 14.49 27.03
N ASP A 336 3.12 13.93 28.24
CA ASP A 336 4.25 13.09 28.59
C ASP A 336 4.33 11.86 27.70
N TYR A 337 3.18 11.33 27.27
CA TYR A 337 3.26 10.21 26.34
C TYR A 337 3.87 10.66 25.03
N VAL A 338 3.45 11.81 24.53
CA VAL A 338 4.04 12.32 23.30
C VAL A 338 5.53 12.56 23.50
N THR A 339 5.90 13.11 24.65
CA THR A 339 7.30 13.35 24.92
C THR A 339 8.08 12.06 24.92
N ALA A 340 7.55 11.04 25.59
CA ALA A 340 8.18 9.73 25.58
C ALA A 340 8.26 9.19 24.16
N HIS A 341 7.21 9.41 23.37
CA HIS A 341 7.24 8.95 21.98
C HIS A 341 8.33 9.67 21.20
N LEU A 342 8.38 10.99 21.31
CA LEU A 342 9.44 11.76 20.67
C LEU A 342 10.81 11.29 21.14
N ALA A 343 10.94 10.99 22.42
CA ALA A 343 12.22 10.54 22.95
C ALA A 343 12.65 9.23 22.32
N LYS A 344 11.69 8.39 21.91
CA LYS A 344 12.05 7.15 21.22
C LYS A 344 12.82 7.45 19.94
N SER A 345 12.58 8.61 19.35
CA SER A 345 13.28 9.04 18.16
C SER A 345 14.43 9.99 18.47
N GLY A 346 14.76 10.16 19.75
CA GLY A 346 15.81 11.09 20.10
C GLY A 346 15.45 12.55 19.99
N LEU A 347 14.16 12.87 19.93
CA LEU A 347 13.72 14.26 19.86
C LEU A 347 13.29 14.73 21.25
N ASP A 348 13.54 16.00 21.53
CA ASP A 348 13.15 16.55 22.83
C ASP A 348 11.65 16.80 22.87
N ALA A 349 11.16 17.06 24.08
CA ALA A 349 9.74 17.30 24.28
C ALA A 349 9.25 18.49 23.48
N ASP A 350 10.08 19.50 23.30
CA ASP A 350 9.60 20.69 22.63
C ASP A 350 9.45 20.49 21.12
N ALA A 351 9.85 19.33 20.59
CA ALA A 351 9.47 19.03 19.21
C ALA A 351 7.96 19.11 19.06
N ALA A 352 7.21 18.77 20.10
CA ALA A 352 5.77 18.88 20.04
C ALA A 352 5.35 20.31 19.74
N LYS A 353 6.08 21.28 20.27
CA LYS A 353 5.73 22.69 20.07
C LYS A 353 5.77 23.03 18.59
N ALA A 354 6.73 22.47 17.86
CA ALA A 354 6.82 22.73 16.43
C ALA A 354 5.59 22.22 15.71
N TYR A 355 5.08 21.06 16.12
CA TYR A 355 3.84 20.56 15.53
C TYR A 355 2.72 21.56 15.76
N THR A 356 2.54 21.98 17.01
CA THR A 356 1.53 22.97 17.30
C THR A 356 1.73 24.24 16.50
N ALA A 357 2.98 24.71 16.43
CA ALA A 357 3.26 25.96 15.72
C ALA A 357 2.88 25.85 14.26
N GLU A 358 2.97 24.67 13.67
CA GLU A 358 2.63 24.47 12.27
C GLU A 358 1.17 24.07 12.08
N GLY A 359 0.36 24.15 13.13
CA GLY A 359 -1.03 23.81 12.97
C GLY A 359 -1.27 22.33 12.86
N ARG A 360 -0.33 21.52 13.36
CA ARG A 360 -0.38 20.08 13.22
C ARG A 360 -0.79 19.40 14.51
N GLY A 361 -1.35 20.15 15.45
CA GLY A 361 -1.84 19.51 16.63
C GLY A 361 -1.86 20.46 17.80
N GLU A 362 -3.04 20.73 18.32
CA GLU A 362 -3.19 21.50 19.55
C GLU A 362 -2.86 20.64 20.76
N GLU A 363 -3.51 19.53 20.86
CA GLU A 363 -3.47 18.64 22.00
C GLU A 363 -2.49 17.52 21.74
N PRO A 364 -2.02 16.85 22.79
CA PRO A 364 -0.98 15.84 22.59
C PRO A 364 -1.39 14.77 21.61
N GLY A 365 -2.65 14.32 21.66
CA GLY A 365 -3.10 13.30 20.75
C GLY A 365 -3.01 13.75 19.31
N ASP A 366 -3.39 14.99 19.06
CA ASP A 366 -3.27 15.54 17.72
C ASP A 366 -1.82 15.57 17.29
N ILE A 367 -0.97 16.02 18.20
CA ILE A 367 0.44 16.10 17.90
C ILE A 367 1.00 14.71 17.64
N LEU A 368 0.60 13.75 18.46
CA LEU A 368 1.05 12.38 18.28
C LEU A 368 0.68 11.88 16.89
N ALA A 369 -0.58 12.10 16.49
CA ALA A 369 -1.01 11.66 15.17
C ALA A 369 -0.12 12.28 14.10
N SER A 370 0.20 13.56 14.25
CA SER A 370 1.04 14.22 13.25
C SER A 370 2.46 13.68 13.29
N ILE A 371 2.98 13.42 14.48
CA ILE A 371 4.32 12.89 14.60
C ILE A 371 4.42 11.55 13.91
N ILE A 372 3.48 10.66 14.21
CA ILE A 372 3.50 9.34 13.62
C ILE A 372 3.32 9.43 12.12
N THR A 373 2.39 10.27 11.68
CA THR A 373 2.28 10.55 10.26
C THR A 373 3.63 10.90 9.67
N ASP A 374 4.35 11.81 10.33
CA ASP A 374 5.66 12.19 9.84
C ASP A 374 6.63 11.02 9.90
N GLN A 375 6.73 10.38 11.07
CA GLN A 375 7.76 9.36 11.27
C GLN A 375 7.60 8.20 10.30
N VAL A 376 6.36 7.78 10.08
CA VAL A 376 6.15 6.54 9.35
C VAL A 376 5.85 6.82 7.89
N PHE A 377 5.34 7.99 7.57
CA PHE A 377 4.85 8.21 6.23
C PHE A 377 5.46 9.43 5.58
N ARG A 378 5.30 10.62 6.18
CA ARG A 378 5.64 11.82 5.44
C ARG A 378 7.15 11.96 5.28
N ILE A 379 7.89 11.74 6.36
CA ILE A 379 9.33 11.94 6.28
C ILE A 379 9.92 10.81 5.44
N PRO A 380 9.56 9.53 5.67
CA PRO A 380 10.04 8.49 4.77
C PRO A 380 9.74 8.79 3.33
N ALA A 381 8.55 9.33 3.03
CA ALA A 381 8.25 9.71 1.65
C ALA A 381 9.22 10.76 1.18
N LEU A 382 9.44 11.79 1.99
CA LEU A 382 10.31 12.88 1.60
C LEU A 382 11.75 12.38 1.45
N ARG A 383 12.16 11.43 2.29
CA ARG A 383 13.51 10.88 2.16
C ARG A 383 13.69 10.25 0.80
N ILE A 384 12.68 9.52 0.34
CA ILE A 384 12.73 8.94 -1.00
C ILE A 384 12.86 10.04 -2.03
N ALA A 385 12.02 11.07 -1.94
CA ALA A 385 12.11 12.18 -2.87
C ALA A 385 13.49 12.82 -2.82
N GLU A 386 13.98 13.09 -1.61
CA GLU A 386 15.30 13.66 -1.46
C GLU A 386 16.36 12.75 -2.09
N SER A 387 16.21 11.44 -1.90
CA SER A 387 17.15 10.48 -2.46
C SER A 387 17.20 10.58 -3.97
N ARG A 388 16.11 11.04 -4.57
CA ARG A 388 15.96 11.06 -6.01
C ARG A 388 16.36 12.38 -6.64
N VAL A 389 17.07 13.24 -5.89
CA VAL A 389 17.38 14.58 -6.37
C VAL A 389 18.07 14.51 -7.72
N ASP A 390 18.94 13.53 -7.89
CA ASP A 390 19.68 13.37 -9.13
C ASP A 390 19.15 12.23 -9.98
N ALA A 391 18.00 11.67 -9.62
CA ALA A 391 17.41 10.59 -10.41
C ALA A 391 17.11 11.08 -11.82
N PRO A 392 17.34 10.26 -12.83
CA PRO A 392 16.94 10.64 -14.19
C PRO A 392 15.45 10.80 -14.34
N ALA A 393 14.70 9.93 -13.67
CA ALA A 393 13.25 9.98 -13.74
C ALA A 393 12.73 11.16 -12.95
N ARG A 394 11.44 11.42 -13.11
CA ARG A 394 10.89 12.60 -12.46
C ARG A 394 10.29 12.21 -11.13
N THR A 395 10.12 13.22 -10.29
CA THR A 395 9.55 13.06 -8.97
C THR A 395 8.56 14.18 -8.75
N PHE A 396 7.33 13.81 -8.43
CA PHE A 396 6.29 14.76 -8.12
C PHE A 396 5.72 14.36 -6.78
N GLY A 397 5.34 15.37 -6.01
CA GLY A 397 4.80 15.14 -4.69
C GLY A 397 3.42 15.75 -4.57
N TYR A 398 2.62 15.17 -3.70
CA TYR A 398 1.32 15.75 -3.43
C TYR A 398 1.09 15.63 -1.94
N GLU A 399 0.18 16.43 -1.45
CA GLU A 399 -0.32 16.25 -0.11
C GLU A 399 -1.82 16.22 -0.25
N PHE A 400 -2.44 15.15 0.23
CA PHE A 400 -3.88 15.08 0.17
C PHE A 400 -4.41 15.65 1.47
N ALA A 401 -5.04 16.82 1.38
CA ALA A 401 -5.34 17.62 2.55
C ALA A 401 -6.83 17.68 2.81
N TRP A 402 -7.64 17.12 1.92
CA TRP A 402 -9.07 17.19 2.11
C TRP A 402 -9.47 16.38 3.32
N ARG A 403 -10.29 17.02 4.16
CA ARG A 403 -10.67 16.40 5.44
C ARG A 403 -12.03 15.76 5.33
N THR A 404 -12.08 14.52 5.78
CA THR A 404 -13.38 13.88 5.80
C THR A 404 -14.24 14.48 6.91
N PRO A 405 -15.54 14.63 6.66
CA PRO A 405 -16.45 15.10 7.71
C PRO A 405 -16.89 14.03 8.69
N GLN A 406 -16.49 12.78 8.48
CA GLN A 406 -16.98 11.74 9.36
C GLN A 406 -16.58 12.03 10.79
N LEU A 407 -17.41 11.55 11.72
CA LEU A 407 -17.12 11.67 13.14
C LEU A 407 -16.80 13.12 13.51
N ASP A 408 -17.67 14.01 13.04
CA ASP A 408 -17.62 15.42 13.38
C ASP A 408 -16.28 16.05 12.98
N GLY A 409 -15.67 15.51 11.93
CA GLY A 409 -14.44 16.08 11.41
C GLY A 409 -13.20 15.71 12.18
N ILE A 410 -13.29 14.80 13.14
CA ILE A 410 -12.16 14.49 14.00
C ILE A 410 -11.06 13.77 13.25
N LEU A 411 -11.35 13.19 12.08
CA LEU A 411 -10.32 12.46 11.36
C LEU A 411 -9.44 13.37 10.52
N GLY A 412 -9.94 14.53 10.13
CA GLY A 412 -9.17 15.38 9.25
C GLY A 412 -8.88 14.66 7.95
N ALA A 413 -7.72 14.98 7.36
CA ALA A 413 -7.31 14.34 6.12
C ALA A 413 -6.61 13.05 6.51
N CYS A 414 -7.42 12.10 6.93
CA CYS A 414 -6.82 10.94 7.54
C CYS A 414 -6.49 9.90 6.49
N HIS A 415 -5.90 8.83 6.96
CA HIS A 415 -5.49 7.77 6.08
C HIS A 415 -6.68 7.22 5.31
N ALA A 416 -6.44 6.87 4.04
CA ALA A 416 -7.37 6.23 3.13
C ALA A 416 -8.39 7.18 2.54
N VAL A 417 -8.50 8.43 3.03
CA VAL A 417 -9.53 9.30 2.45
C VAL A 417 -9.24 9.59 1.00
N GLU A 418 -7.98 9.51 0.59
CA GLU A 418 -7.67 9.87 -0.78
C GLU A 418 -8.06 8.78 -1.76
N LEU A 419 -8.23 7.57 -1.27
CA LEU A 419 -8.42 6.43 -2.18
C LEU A 419 -9.63 6.60 -3.08
N PRO A 420 -10.82 6.92 -2.58
CA PRO A 420 -11.95 7.06 -3.50
C PRO A 420 -11.78 8.25 -4.42
N PHE A 421 -10.96 9.23 -4.03
CA PHE A 421 -10.71 10.34 -4.93
C PHE A 421 -9.82 9.90 -6.08
N VAL A 422 -8.80 9.13 -5.76
CA VAL A 422 -7.94 8.56 -6.79
C VAL A 422 -8.76 7.74 -7.77
N PHE A 423 -9.66 6.93 -7.25
CA PHE A 423 -10.39 5.98 -8.06
C PHE A 423 -11.71 6.53 -8.56
N ARG A 424 -12.09 7.72 -8.13
CA ARG A 424 -13.44 8.24 -8.41
C ARG A 424 -14.48 7.21 -7.98
N THR A 425 -14.35 6.74 -6.76
CA THR A 425 -15.27 5.81 -6.14
C THR A 425 -15.81 6.35 -4.83
N LEU A 426 -16.07 7.67 -4.81
CA LEU A 426 -16.49 8.32 -3.58
C LEU A 426 -17.78 7.72 -3.04
N ASP A 427 -18.68 7.30 -3.95
CA ASP A 427 -19.93 6.71 -3.48
C ASP A 427 -19.76 5.33 -2.87
N ARG A 428 -18.57 4.76 -2.93
CA ARG A 428 -18.27 3.49 -2.31
C ARG A 428 -17.46 3.65 -1.06
N ALA A 429 -17.14 4.87 -0.68
CA ALA A 429 -16.26 5.14 0.44
C ALA A 429 -16.92 6.02 1.48
N ALA A 430 -18.25 6.10 1.46
CA ALA A 430 -18.91 7.05 2.34
C ALA A 430 -18.65 6.75 3.81
N SER A 431 -18.35 5.49 4.16
CA SER A 431 -18.05 5.20 5.57
C SER A 431 -16.87 6.04 6.04
N LEU A 432 -15.99 6.39 5.11
CA LEU A 432 -14.80 7.14 5.45
C LEU A 432 -14.89 8.59 5.04
N VAL A 433 -15.46 8.88 3.87
CA VAL A 433 -15.42 10.24 3.36
C VAL A 433 -16.76 10.94 3.49
N GLY A 434 -17.75 10.29 4.08
CA GLY A 434 -19.06 10.91 4.22
C GLY A 434 -19.88 10.84 2.95
N THR A 435 -21.07 11.42 3.03
CA THR A 435 -22.06 11.23 1.98
C THR A 435 -21.86 12.15 0.79
N ASN A 436 -21.28 13.33 1.03
CA ASN A 436 -21.23 14.36 0.00
C ASN A 436 -19.80 14.86 -0.22
N PRO A 437 -18.86 13.95 -0.50
CA PRO A 437 -17.51 14.41 -0.80
C PRO A 437 -17.48 15.08 -2.16
N PRO A 438 -16.53 15.97 -2.38
CA PRO A 438 -16.51 16.75 -3.64
C PRO A 438 -16.01 15.90 -4.80
N GLU A 439 -16.93 15.54 -5.69
CA GLU A 439 -16.55 14.81 -6.89
C GLU A 439 -15.50 15.58 -7.69
N GLU A 440 -15.55 16.91 -7.64
CA GLU A 440 -14.53 17.73 -8.32
C GLU A 440 -13.13 17.33 -7.88
N LEU A 441 -12.94 17.09 -6.58
CA LEU A 441 -11.61 16.72 -6.13
C LEU A 441 -11.25 15.32 -6.60
N ALA A 442 -12.22 14.41 -6.63
CA ALA A 442 -11.98 13.10 -7.22
C ALA A 442 -11.54 13.26 -8.67
N GLU A 443 -12.24 14.12 -9.41
CA GLU A 443 -11.82 14.40 -10.78
C GLU A 443 -10.40 14.92 -10.82
N THR A 444 -10.08 15.89 -9.98
CA THR A 444 -8.76 16.49 -10.00
C THR A 444 -7.68 15.47 -9.69
N VAL A 445 -7.87 14.73 -8.61
CA VAL A 445 -6.85 13.78 -8.20
C VAL A 445 -6.75 12.67 -9.22
N HIS A 446 -7.89 12.07 -9.56
CA HIS A 446 -7.89 10.98 -10.50
C HIS A 446 -7.26 11.40 -11.82
N ASN A 447 -7.60 12.58 -12.32
CA ASN A 447 -7.05 13.01 -13.60
C ASN A 447 -5.55 13.22 -13.49
N ALA A 448 -5.09 13.73 -12.35
CA ALA A 448 -3.66 13.86 -12.14
C ALA A 448 -2.99 12.50 -12.20
N TRP A 449 -3.61 11.50 -11.59
CA TRP A 449 -3.06 10.15 -11.62
C TRP A 449 -3.00 9.62 -13.04
N VAL A 450 -4.09 9.81 -13.78
CA VAL A 450 -4.12 9.42 -15.19
C VAL A 450 -3.04 10.14 -15.96
N ARG A 451 -2.91 11.45 -15.77
CA ARG A 451 -1.87 12.19 -16.46
C ARG A 451 -0.51 11.66 -16.10
N PHE A 452 -0.30 11.37 -14.81
CA PHE A 452 1.00 10.85 -14.42
C PHE A 452 1.24 9.49 -15.06
N ALA A 453 0.23 8.61 -15.02
CA ALA A 453 0.40 7.31 -15.66
C ALA A 453 0.69 7.49 -17.14
N THR A 454 -0.02 8.41 -17.76
CA THR A 454 0.09 8.62 -19.20
C THR A 454 1.46 9.15 -19.60
N SER A 455 1.97 10.15 -18.88
CA SER A 455 3.13 10.90 -19.33
C SER A 455 4.25 10.96 -18.32
N GLY A 456 4.02 10.54 -17.08
CA GLY A 456 4.99 10.74 -16.05
C GLY A 456 4.97 12.12 -15.42
N ASP A 457 3.96 12.91 -15.76
CA ASP A 457 3.84 14.27 -15.23
C ASP A 457 2.40 14.41 -14.79
N PRO A 458 2.13 14.53 -13.49
CA PRO A 458 0.76 14.70 -13.02
C PRO A 458 0.18 16.04 -13.38
N GLY A 459 1.00 16.98 -13.84
CA GLY A 459 0.48 18.26 -14.28
C GLY A 459 0.79 19.37 -13.31
N TRP A 460 1.87 19.24 -12.55
CA TRP A 460 2.27 20.32 -11.67
C TRP A 460 3.78 20.23 -11.49
N PRO A 461 4.39 21.27 -10.92
CA PRO A 461 5.85 21.31 -10.89
C PRO A 461 6.44 20.11 -10.16
N ALA A 462 7.56 19.64 -10.68
CA ALA A 462 8.24 18.50 -10.11
C ALA A 462 8.76 18.82 -8.73
N TRP A 463 8.87 17.77 -7.93
CA TRP A 463 9.43 17.90 -6.60
C TRP A 463 10.94 17.93 -6.68
N ASN A 464 11.53 18.85 -5.91
CA ASN A 464 12.98 18.87 -5.74
C ASN A 464 13.27 19.41 -4.36
N PRO A 465 14.51 19.23 -3.87
CA PRO A 465 14.83 19.73 -2.53
C PRO A 465 14.89 21.25 -2.44
N GLU A 466 14.94 21.96 -3.57
CA GLU A 466 14.98 23.43 -3.52
C GLU A 466 13.70 23.99 -2.94
N THR A 467 12.59 23.72 -3.61
CA THR A 467 11.32 24.27 -3.17
C THR A 467 10.41 23.23 -2.56
N ARG A 468 10.72 21.93 -2.72
CA ARG A 468 9.95 20.87 -2.07
C ARG A 468 8.48 21.05 -2.36
N SER A 469 8.20 21.28 -3.64
CA SER A 469 6.87 21.67 -4.06
C SER A 469 5.99 20.43 -4.16
N VAL A 470 4.81 20.51 -3.57
CA VAL A 470 3.83 19.46 -3.73
C VAL A 470 2.50 20.08 -4.06
N MET A 471 1.71 19.34 -4.82
CA MET A 471 0.31 19.68 -5.01
C MET A 471 -0.46 19.34 -3.76
N ARG A 472 -1.07 20.34 -3.13
CA ARG A 472 -1.89 20.10 -1.95
C ARG A 472 -3.32 19.96 -2.43
N PHE A 473 -3.77 18.73 -2.46
CA PHE A 473 -5.15 18.50 -2.89
C PHE A 473 -6.11 18.84 -1.75
N ASP A 474 -7.14 19.58 -2.14
CA ASP A 474 -8.19 19.87 -1.17
C ASP A 474 -9.39 20.39 -1.97
N HIS A 475 -10.46 20.67 -1.25
CA HIS A 475 -11.61 21.28 -1.92
C HIS A 475 -12.07 22.45 -1.06
N PRO A 476 -12.30 23.63 -1.65
CA PRO A 476 -12.43 23.77 -3.11
C PRO A 476 -11.12 23.99 -3.85
N VAL A 477 -10.06 24.15 -3.07
CA VAL A 477 -8.80 24.54 -3.76
C VAL A 477 -7.71 23.50 -3.58
N SER A 478 -7.22 22.99 -4.72
CA SER A 478 -6.01 22.15 -4.73
C SER A 478 -4.97 23.06 -5.36
N GLU A 479 -3.86 23.27 -4.68
CA GLU A 479 -2.87 24.18 -5.21
C GLU A 479 -1.51 23.70 -4.76
N MET A 480 -0.49 24.14 -5.49
CA MET A 480 0.88 23.89 -5.13
C MET A 480 1.21 24.57 -3.80
N VAL A 481 2.00 23.88 -2.98
CA VAL A 481 2.59 24.49 -1.81
C VAL A 481 4.06 24.13 -1.84
N THR A 482 4.87 24.94 -1.20
CA THR A 482 6.31 24.69 -1.14
C THR A 482 6.68 24.37 0.29
N ASP A 483 7.61 23.42 0.41
CA ASP A 483 8.30 23.14 1.65
C ASP A 483 7.29 23.08 2.80
N PRO A 484 6.26 22.25 2.68
CA PRO A 484 5.21 22.25 3.70
C PRO A 484 5.75 21.70 5.00
N TYR A 485 5.29 22.30 6.08
CA TYR A 485 5.66 21.87 7.42
C TYR A 485 7.19 21.81 7.55
N PRO A 486 7.89 22.90 7.26
CA PRO A 486 9.36 22.83 7.26
C PRO A 486 9.94 22.63 8.63
N ALA A 487 9.29 23.15 9.68
CA ALA A 487 9.86 23.04 11.00
C ALA A 487 9.73 21.62 11.53
N THR A 488 8.54 21.01 11.39
CA THR A 488 8.43 19.62 11.80
C THR A 488 9.28 18.73 10.92
N ARG A 489 9.43 19.13 9.66
CA ARG A 489 10.23 18.23 8.80
C ARG A 489 11.67 18.21 9.33
N ALA A 490 12.17 19.39 9.66
CA ALA A 490 13.59 19.50 10.07
C ALA A 490 13.88 18.76 11.37
N LEU A 491 12.84 18.55 12.17
CA LEU A 491 13.01 17.83 13.45
C LEU A 491 13.60 16.46 13.14
N TRP A 492 13.30 15.94 11.96
CA TRP A 492 13.67 14.53 11.69
C TRP A 492 15.04 14.40 11.00
N ASP A 493 15.64 15.53 10.66
CA ASP A 493 16.92 15.45 9.93
C ASP A 493 17.88 14.36 10.43
N GLY A 494 18.07 14.22 11.73
CA GLY A 494 19.10 13.26 12.20
C GLY A 494 18.54 12.03 12.85
N VAL A 495 17.27 11.74 12.60
CA VAL A 495 16.64 10.60 13.33
C VAL A 495 16.98 9.26 12.69
N PRO A 496 17.47 8.30 13.50
CA PRO A 496 17.80 6.97 13.01
C PRO A 496 16.73 6.41 12.07
N LEU A 497 17.20 5.74 11.02
CA LEU A 497 16.28 5.15 10.03
C LEU A 497 15.61 6.32 9.31
C12 C8X B . 3.16 1.57 11.58
C6 C8X B . 0.41 1.00 7.73
C11 C8X B . 2.31 1.10 10.45
C5 C8X B . -0.12 0.65 6.50
C2 C8X B . -3.58 0.97 3.22
C1 C8X B . -4.97 1.46 2.96
C4 C8X B . -1.45 0.88 6.22
C10 C8X B . 0.15 1.93 10.04
C9 C8X B . -2.25 1.44 7.19
C3 C8X B . -2.00 0.48 4.90
C8 C8X B . -1.72 1.79 8.42
C7 C8X B . -0.38 1.57 8.70
O1 C8X B . -5.98 0.56 3.40
O2 C8X B . -3.16 1.08 4.60
O3 C8X B . -1.46 -0.30 4.18
O4 C8X B . -0.52 1.95 11.04
O5 C8X B . 1.45 2.18 10.03
O6 C8X B . 2.90 0.86 12.77
C2 C9C C . -18.81 2.29 2.28
C3 C9C C . -16.55 1.71 2.56
C4 C9C C . -15.15 2.16 2.35
C5 C9C C . -14.73 3.42 2.73
C6 C9C C . -13.44 3.83 2.48
C7 C9C C . -12.56 2.98 1.84
C8 C9C C . -12.97 1.73 1.46
C1 C9C C . -19.70 3.48 2.10
O1 C9C C . -19.92 3.80 0.72
O2 C9C C . -17.43 2.69 2.36
O3 C9C C . -16.87 0.59 2.83
C9 C9C C . -14.27 1.32 1.71
C10 C9C C . -11.17 3.41 1.55
O4 C9C C . -10.94 4.63 1.58
O5 C9C C . -10.38 2.56 1.25
#